data_2F8H
#
_entry.id   2F8H
#
_cell.length_a   94.133
_cell.length_b   95.226
_cell.length_c   43.613
_cell.angle_alpha   90.00
_cell.angle_beta   93.76
_cell.angle_gamma   90.00
#
_symmetry.space_group_name_H-M   'C 1 2 1'
#
loop_
_entity.id
_entity.type
_entity.pdbx_description
1 polymer 'aectylcitrulline deacetylase'
2 water water
#
_entity_poly.entity_id   1
_entity_poly.type   'polypeptide(L)'
_entity_poly.pdbx_seq_one_letter_code
;GSHMTDLLASTLEHLETLVSFDTRNPPRAIAAEGGIFDYLRAQLPGFQVEVIDHGDGAVSLYAVRGTPKYLFNVHLDTVP
DSPHWSADPHVMRRTEDRVIGLGVCDIKGAAAALVAAANAGDGDAAFLFSSDEEANDPRCIAAFLARGLPYDAVLVAEPT
MSEAVLAHRGISSVLMRFAGRAGHASGKQDPAASALHQAMRWGGKALDHVESLAHARFGGLTGLRFNIGRVDGGIKANMI
APAAELRFGFRPLPSMDVDGLLATFAGFADPAAAHFEETFRGPSLPSGDIARAEERRLAARDVADALDLPIGNAVDFWTE
ASLFSAGGYTALVYGPGDIAQAHTADEFVTLAQLQRYVESVNRIINGSH
;
_entity_poly.pdbx_strand_id   A
#
# COMPACT_ATOMS: atom_id res chain seq x y z
N HIS A 3 -22.73 1.98 -19.63
CA HIS A 3 -22.15 3.21 -20.24
C HIS A 3 -20.71 2.95 -20.65
N MET A 4 -20.35 3.37 -21.86
CA MET A 4 -19.00 3.15 -22.36
C MET A 4 -18.45 4.38 -23.08
N THR A 5 -17.16 4.62 -22.91
CA THR A 5 -16.49 5.75 -23.56
C THR A 5 -15.21 5.19 -24.17
N ASP A 6 -14.61 5.92 -25.12
CA ASP A 6 -13.38 5.46 -25.74
C ASP A 6 -12.25 5.36 -24.72
N LEU A 7 -12.23 6.31 -23.78
CA LEU A 7 -11.20 6.34 -22.76
C LEU A 7 -11.33 5.12 -21.85
N LEU A 8 -12.58 4.78 -21.51
CA LEU A 8 -12.83 3.63 -20.64
C LEU A 8 -12.52 2.33 -21.37
N ALA A 9 -12.89 2.27 -22.65
CA ALA A 9 -12.64 1.08 -23.47
C ALA A 9 -11.14 0.82 -23.55
N SER A 10 -10.36 1.87 -23.71
CA SER A 10 -8.91 1.74 -23.80
C SER A 10 -8.35 1.32 -22.45
N THR A 11 -8.93 1.86 -21.39
CA THR A 11 -8.49 1.50 -20.04
C THR A 11 -8.71 0.00 -19.81
N LEU A 12 -9.87 -0.48 -20.24
CA LEU A 12 -10.20 -1.89 -20.08
C LEU A 12 -9.27 -2.80 -20.89
N GLU A 13 -8.88 -2.35 -22.09
CA GLU A 13 -7.98 -3.14 -22.93
C GLU A 13 -6.62 -3.24 -22.28
N HIS A 14 -6.11 -2.12 -21.78
CA HIS A 14 -4.82 -2.10 -21.11
C HIS A 14 -4.87 -2.92 -19.82
N LEU A 15 -5.97 -2.79 -19.09
CA LEU A 15 -6.13 -3.51 -17.82
C LEU A 15 -6.10 -5.02 -18.04
N GLU A 16 -6.77 -5.49 -19.09
CA GLU A 16 -6.80 -6.92 -19.37
C GLU A 16 -5.37 -7.42 -19.55
N THR A 17 -4.56 -6.63 -20.26
CA THR A 17 -3.16 -6.98 -20.50
C THR A 17 -2.38 -6.97 -19.20
N LEU A 18 -2.46 -5.86 -18.47
CA LEU A 18 -1.73 -5.74 -17.20
C LEU A 18 -2.05 -6.88 -16.24
N VAL A 19 -3.33 -7.24 -16.16
CA VAL A 19 -3.76 -8.31 -15.26
C VAL A 19 -3.19 -9.66 -15.69
N SER A 20 -3.02 -9.84 -16.99
CA SER A 20 -2.49 -11.10 -17.51
C SER A 20 -1.03 -11.33 -17.14
N PHE A 21 -0.33 -10.28 -16.74
CA PHE A 21 1.07 -10.41 -16.32
C PHE A 21 1.12 -10.82 -14.86
N ASP A 22 1.82 -11.91 -14.56
CA ASP A 22 1.95 -12.39 -13.19
C ASP A 22 2.93 -11.51 -12.43
N THR A 23 2.42 -10.74 -11.47
CA THR A 23 3.28 -9.87 -10.68
C THR A 23 3.03 -10.11 -9.19
N ARG A 24 2.65 -11.34 -8.85
CA ARG A 24 2.38 -11.70 -7.47
C ARG A 24 3.63 -11.49 -6.62
N ASN A 25 3.42 -10.95 -5.43
CA ASN A 25 4.51 -10.67 -4.50
C ASN A 25 4.07 -11.02 -3.08
N PRO A 26 4.63 -12.10 -2.51
CA PRO A 26 5.63 -13.04 -3.04
C PRO A 26 5.14 -13.79 -4.27
N PRO A 27 6.06 -14.38 -5.05
CA PRO A 27 7.51 -14.40 -4.86
C PRO A 27 8.24 -13.22 -5.50
N ARG A 28 7.47 -12.31 -6.10
CA ARG A 28 8.02 -11.13 -6.75
C ARG A 28 9.01 -11.49 -7.85
N ALA A 29 8.61 -12.44 -8.71
CA ALA A 29 9.44 -12.87 -9.83
C ALA A 29 9.20 -11.90 -10.97
N ILE A 30 9.68 -10.67 -10.79
CA ILE A 30 9.50 -9.62 -11.76
C ILE A 30 10.83 -9.22 -12.39
N ALA A 31 10.88 -9.22 -13.72
CA ALA A 31 12.11 -8.88 -14.43
C ALA A 31 12.04 -7.50 -15.07
N ALA A 32 13.21 -6.90 -15.27
CA ALA A 32 13.30 -5.58 -15.88
C ALA A 32 13.10 -5.70 -17.38
N GLU A 33 13.45 -6.85 -17.93
CA GLU A 33 13.31 -7.11 -19.36
C GLU A 33 12.16 -8.07 -19.62
N GLY A 34 11.39 -7.78 -20.67
CA GLY A 34 10.25 -8.61 -21.00
C GLY A 34 9.09 -8.33 -20.08
N GLY A 35 8.04 -9.13 -20.21
CA GLY A 35 6.86 -8.98 -19.36
C GLY A 35 6.17 -7.63 -19.35
N ILE A 36 5.65 -7.28 -18.17
CA ILE A 36 4.91 -6.04 -17.98
C ILE A 36 5.66 -4.74 -18.28
N PHE A 37 6.94 -4.67 -17.91
CA PHE A 37 7.71 -3.47 -18.18
C PHE A 37 7.96 -3.26 -19.68
N ASP A 38 8.08 -4.35 -20.43
CA ASP A 38 8.28 -4.25 -21.88
C ASP A 38 6.99 -3.70 -22.47
N TYR A 39 5.86 -4.12 -21.90
CA TYR A 39 4.55 -3.68 -22.38
C TYR A 39 4.39 -2.18 -22.13
N LEU A 40 4.68 -1.73 -20.91
CA LEU A 40 4.55 -0.32 -20.58
C LEU A 40 5.46 0.55 -21.42
N ARG A 41 6.68 0.09 -21.68
CA ARG A 41 7.63 0.84 -22.49
C ARG A 41 7.06 1.11 -23.88
N ALA A 42 6.29 0.15 -24.38
CA ALA A 42 5.69 0.28 -25.71
C ALA A 42 4.38 1.08 -25.73
N GLN A 43 3.84 1.36 -24.55
CA GLN A 43 2.58 2.09 -24.46
C GLN A 43 2.68 3.52 -23.91
N LEU A 44 3.87 4.12 -23.98
CA LEU A 44 4.06 5.47 -23.47
C LEU A 44 4.68 6.39 -24.50
N PRO A 45 3.91 6.79 -25.52
CA PRO A 45 4.40 7.67 -26.58
C PRO A 45 4.78 9.07 -26.12
N GLY A 46 5.94 9.54 -26.59
CA GLY A 46 6.39 10.87 -26.23
C GLY A 46 7.09 10.96 -24.89
N PHE A 47 7.15 9.86 -24.16
CA PHE A 47 7.81 9.84 -22.86
C PHE A 47 9.27 9.42 -22.92
N GLN A 48 10.09 10.03 -22.06
CA GLN A 48 11.49 9.64 -21.94
C GLN A 48 11.31 8.54 -20.90
N VAL A 49 11.71 7.33 -21.23
CA VAL A 49 11.53 6.20 -20.32
C VAL A 49 12.80 5.55 -19.82
N GLU A 50 12.80 5.21 -18.54
CA GLU A 50 13.93 4.57 -17.90
C GLU A 50 13.45 3.42 -17.03
N VAL A 51 14.06 2.25 -17.21
CA VAL A 51 13.71 1.08 -16.40
C VAL A 51 14.92 0.73 -15.55
N ILE A 52 14.73 0.76 -14.24
CA ILE A 52 15.80 0.45 -13.30
C ILE A 52 15.56 -0.85 -12.55
N ASP A 53 16.54 -1.75 -12.61
CA ASP A 53 16.43 -3.02 -11.92
C ASP A 53 17.14 -2.85 -10.57
N HIS A 54 16.36 -2.79 -9.50
CA HIS A 54 16.93 -2.62 -8.18
C HIS A 54 17.35 -3.97 -7.62
N GLY A 55 16.99 -5.03 -8.35
CA GLY A 55 17.32 -6.38 -7.95
C GLY A 55 16.22 -7.17 -7.26
N ASP A 56 16.29 -8.49 -7.38
CA ASP A 56 15.34 -9.38 -6.74
C ASP A 56 13.85 -9.07 -6.93
N GLY A 57 13.47 -8.62 -8.13
CA GLY A 57 12.07 -8.34 -8.38
C GLY A 57 11.61 -6.92 -8.09
N ALA A 58 12.51 -6.09 -7.58
CA ALA A 58 12.19 -4.68 -7.31
C ALA A 58 12.64 -3.93 -8.56
N VAL A 59 11.67 -3.57 -9.41
CA VAL A 59 11.96 -2.87 -10.64
C VAL A 59 11.12 -1.61 -10.77
N SER A 60 11.70 -0.55 -11.30
CA SER A 60 10.99 0.71 -11.50
C SER A 60 11.03 1.18 -12.94
N LEU A 61 9.97 1.85 -13.38
CA LEU A 61 9.91 2.42 -14.72
C LEU A 61 9.50 3.88 -14.48
N TYR A 62 10.43 4.78 -14.78
CA TYR A 62 10.19 6.21 -14.61
C TYR A 62 10.02 6.81 -15.99
N ALA A 63 8.83 7.35 -16.25
CA ALA A 63 8.53 7.93 -17.55
C ALA A 63 8.11 9.39 -17.42
N VAL A 64 8.74 10.25 -18.22
CA VAL A 64 8.42 11.68 -18.18
C VAL A 64 8.19 12.25 -19.58
N ARG A 65 7.10 13.01 -19.71
CA ARG A 65 6.76 13.65 -20.98
C ARG A 65 6.54 15.12 -20.68
N GLY A 66 7.33 15.98 -21.32
CA GLY A 66 7.21 17.41 -21.10
C GLY A 66 7.80 17.84 -19.77
N THR A 67 7.20 18.83 -19.13
CA THR A 67 7.67 19.33 -17.83
C THR A 67 6.54 19.28 -16.81
N PRO A 68 6.05 18.06 -16.48
CA PRO A 68 4.96 17.89 -15.52
C PRO A 68 5.31 18.38 -14.12
N LYS A 69 4.30 18.88 -13.40
CA LYS A 69 4.51 19.36 -12.05
C LYS A 69 4.08 18.31 -11.03
N TYR A 70 3.38 17.29 -11.51
CA TYR A 70 2.90 16.22 -10.64
C TYR A 70 3.42 14.86 -11.06
N LEU A 71 3.60 13.99 -10.08
CA LEU A 71 4.08 12.64 -10.33
C LEU A 71 3.04 11.62 -9.91
N PHE A 72 2.74 10.67 -10.80
CA PHE A 72 1.80 9.59 -10.49
C PHE A 72 2.62 8.33 -10.25
N ASN A 73 2.48 7.76 -9.06
CA ASN A 73 3.16 6.52 -8.69
C ASN A 73 2.11 5.42 -8.59
N VAL A 74 2.38 4.28 -9.23
CA VAL A 74 1.48 3.15 -9.19
C VAL A 74 2.33 1.89 -9.05
N HIS A 75 2.03 1.06 -8.06
CA HIS A 75 2.79 -0.17 -7.88
C HIS A 75 2.15 -1.23 -8.78
N LEU A 76 2.99 -2.01 -9.47
CA LEU A 76 2.50 -3.03 -10.38
C LEU A 76 2.42 -4.43 -9.80
N ASP A 77 3.01 -4.64 -8.64
CA ASP A 77 2.93 -5.96 -8.03
C ASP A 77 1.55 -6.14 -7.38
N THR A 78 1.12 -7.39 -7.22
CA THR A 78 -0.16 -7.70 -6.61
C THR A 78 0.15 -8.67 -5.47
N VAL A 79 -0.83 -8.91 -4.61
CA VAL A 79 -0.63 -9.87 -3.55
C VAL A 79 -0.84 -11.23 -4.19
N PRO A 80 -0.54 -12.32 -3.48
CA PRO A 80 -0.75 -13.63 -4.10
C PRO A 80 -2.24 -13.86 -4.31
N ASP A 81 -2.58 -14.82 -5.15
CA ASP A 81 -3.97 -15.15 -5.45
C ASP A 81 -4.57 -16.12 -4.44
N SER A 82 -5.86 -16.40 -4.63
CA SER A 82 -6.61 -17.32 -3.78
C SER A 82 -6.36 -17.11 -2.29
N PRO A 83 -6.94 -17.97 -1.44
CA PRO A 83 -7.82 -19.10 -1.80
C PRO A 83 -9.23 -18.67 -2.19
N HIS A 84 -9.93 -19.56 -2.89
CA HIS A 84 -11.32 -19.33 -3.30
C HIS A 84 -11.64 -18.59 -4.60
N TRP A 85 -10.64 -18.31 -5.44
CA TRP A 85 -10.93 -17.65 -6.71
C TRP A 85 -11.77 -18.60 -7.55
N SER A 86 -12.80 -18.08 -8.20
CA SER A 86 -13.70 -18.91 -9.01
C SER A 86 -13.20 -19.13 -10.44
N ALA A 87 -12.11 -18.48 -10.80
CA ALA A 87 -11.54 -18.63 -12.13
C ALA A 87 -10.11 -18.13 -12.13
N ASP A 88 -9.41 -18.33 -13.24
CA ASP A 88 -8.02 -17.89 -13.38
C ASP A 88 -7.91 -16.42 -12.99
N PRO A 89 -7.17 -16.13 -11.90
CA PRO A 89 -6.98 -14.75 -11.43
C PRO A 89 -6.28 -13.85 -12.44
N HIS A 90 -5.54 -14.45 -13.36
CA HIS A 90 -4.80 -13.69 -14.36
C HIS A 90 -5.55 -13.49 -15.68
N VAL A 91 -6.80 -13.94 -15.73
CA VAL A 91 -7.62 -13.76 -16.92
C VAL A 91 -8.76 -12.83 -16.49
N MET A 92 -8.65 -11.56 -16.82
CA MET A 92 -9.67 -10.59 -16.45
C MET A 92 -11.03 -10.97 -17.04
N ARG A 93 -12.04 -10.99 -16.17
CA ARG A 93 -13.40 -11.30 -16.59
C ARG A 93 -14.20 -10.02 -16.50
N ARG A 94 -15.30 -9.96 -17.24
CA ARG A 94 -16.12 -8.79 -17.22
C ARG A 94 -17.59 -9.11 -17.17
N THR A 95 -18.32 -8.34 -16.37
CA THR A 95 -19.76 -8.48 -16.24
C THR A 95 -20.33 -7.17 -16.75
N GLU A 96 -21.63 -6.97 -16.57
CA GLU A 96 -22.27 -5.76 -17.04
C GLU A 96 -21.69 -4.49 -16.41
N ASP A 97 -21.41 -4.53 -15.10
CA ASP A 97 -20.91 -3.33 -14.44
C ASP A 97 -19.54 -3.42 -13.78
N ARG A 98 -18.77 -4.47 -14.03
CA ARG A 98 -17.46 -4.56 -13.41
C ARG A 98 -16.53 -5.58 -14.03
N VAL A 99 -15.27 -5.54 -13.61
CA VAL A 99 -14.26 -6.47 -14.09
C VAL A 99 -13.68 -7.20 -12.89
N ILE A 100 -13.24 -8.43 -13.12
CA ILE A 100 -12.70 -9.26 -12.06
C ILE A 100 -11.33 -9.81 -12.44
N GLY A 101 -10.35 -9.64 -11.55
CA GLY A 101 -9.02 -10.13 -11.82
C GLY A 101 -8.07 -9.72 -10.72
N LEU A 102 -6.96 -10.46 -10.59
CA LEU A 102 -5.98 -10.13 -9.56
C LEU A 102 -5.33 -8.78 -9.89
N GLY A 103 -5.52 -7.81 -8.99
CA GLY A 103 -4.96 -6.50 -9.20
C GLY A 103 -5.84 -5.47 -9.89
N VAL A 104 -7.05 -5.84 -10.31
CA VAL A 104 -7.91 -4.86 -10.99
C VAL A 104 -8.26 -3.72 -10.06
N CYS A 105 -8.35 -4.00 -8.77
CA CYS A 105 -8.68 -2.98 -7.78
C CYS A 105 -7.43 -2.41 -7.12
N ASP A 106 -6.48 -3.27 -6.79
CA ASP A 106 -5.25 -2.84 -6.14
C ASP A 106 -4.02 -3.39 -6.88
N ILE A 107 -3.47 -2.63 -7.82
CA ILE A 107 -3.97 -1.31 -8.20
C ILE A 107 -3.70 -1.10 -9.69
N LYS A 108 -3.74 -2.20 -10.43
CA LYS A 108 -3.49 -2.17 -11.88
C LYS A 108 -4.53 -1.37 -12.63
N GLY A 109 -5.72 -1.22 -12.05
CA GLY A 109 -6.76 -0.44 -12.70
C GLY A 109 -6.29 0.98 -12.92
N ALA A 110 -5.57 1.52 -11.93
CA ALA A 110 -5.04 2.88 -12.02
C ALA A 110 -3.95 2.96 -13.09
N ALA A 111 -3.10 1.93 -13.15
CA ALA A 111 -2.04 1.91 -14.14
C ALA A 111 -2.63 1.89 -15.55
N ALA A 112 -3.69 1.11 -15.73
CA ALA A 112 -4.36 1.00 -17.02
C ALA A 112 -4.95 2.35 -17.44
N ALA A 113 -5.57 3.04 -16.50
CA ALA A 113 -6.17 4.33 -16.78
C ALA A 113 -5.11 5.38 -17.15
N LEU A 114 -4.00 5.38 -16.43
CA LEU A 114 -2.93 6.34 -16.71
C LEU A 114 -2.33 6.10 -18.09
N VAL A 115 -2.20 4.84 -18.47
CA VAL A 115 -1.66 4.52 -19.78
C VAL A 115 -2.64 4.97 -20.86
N ALA A 116 -3.93 4.75 -20.61
CA ALA A 116 -4.95 5.16 -21.56
C ALA A 116 -4.88 6.68 -21.77
N ALA A 117 -4.75 7.41 -20.66
CA ALA A 117 -4.65 8.87 -20.74
C ALA A 117 -3.40 9.28 -21.50
N ALA A 118 -2.30 8.55 -21.29
CA ALA A 118 -1.04 8.86 -21.95
C ALA A 118 -1.18 8.72 -23.46
N ASN A 119 -2.08 7.85 -23.89
CA ASN A 119 -2.31 7.61 -25.31
C ASN A 119 -3.50 8.38 -25.88
N ALA A 120 -4.14 9.20 -25.06
CA ALA A 120 -5.30 9.98 -25.52
C ALA A 120 -4.98 11.45 -25.74
N GLY A 121 -3.74 11.83 -25.46
CA GLY A 121 -3.32 13.22 -25.63
C GLY A 121 -1.84 13.32 -25.34
N ASP A 122 -1.22 14.45 -25.67
CA ASP A 122 0.21 14.62 -25.44
C ASP A 122 0.53 15.57 -24.29
N GLY A 123 -0.37 15.66 -23.31
CA GLY A 123 -0.13 16.55 -22.19
C GLY A 123 1.05 16.10 -21.35
N ASP A 124 1.64 17.02 -20.60
CA ASP A 124 2.78 16.68 -19.75
C ASP A 124 2.34 15.68 -18.69
N ALA A 125 3.23 14.74 -18.38
CA ALA A 125 2.93 13.73 -17.37
C ALA A 125 4.20 13.03 -16.91
N ALA A 126 4.19 12.58 -15.66
CA ALA A 126 5.32 11.87 -15.09
C ALA A 126 4.73 10.66 -14.37
N PHE A 127 5.21 9.48 -14.75
CA PHE A 127 4.73 8.23 -14.14
C PHE A 127 5.91 7.50 -13.51
N LEU A 128 5.66 6.89 -12.35
CA LEU A 128 6.66 6.08 -11.69
C LEU A 128 5.98 4.77 -11.35
N PHE A 129 6.28 3.72 -12.11
CA PHE A 129 5.69 2.42 -11.84
C PHE A 129 6.72 1.61 -11.05
N SER A 130 6.30 1.07 -9.91
CA SER A 130 7.19 0.28 -9.07
C SER A 130 6.63 -1.13 -8.97
N SER A 131 7.34 -2.04 -8.33
CA SER A 131 6.86 -3.42 -8.25
C SER A 131 7.09 -4.10 -6.92
N ASP A 132 7.19 -3.34 -5.83
CA ASP A 132 7.49 -3.95 -4.53
C ASP A 132 6.73 -3.41 -3.33
N GLU A 133 5.54 -2.86 -3.56
CA GLU A 133 4.76 -2.28 -2.46
C GLU A 133 4.05 -3.27 -1.54
N GLU A 134 3.64 -4.42 -2.08
CA GLU A 134 2.88 -5.41 -1.32
C GLU A 134 3.59 -6.31 -0.33
N ALA A 135 4.91 -6.19 -0.23
CA ALA A 135 5.65 -7.05 0.70
C ALA A 135 6.88 -6.38 1.30
N ASN A 136 7.67 -7.17 2.02
CA ASN A 136 8.88 -6.64 2.63
C ASN A 136 9.97 -6.43 1.60
N ASP A 137 11.11 -5.91 2.06
CA ASP A 137 12.26 -5.63 1.21
C ASP A 137 11.96 -4.69 0.04
N PRO A 138 11.22 -3.59 0.30
CA PRO A 138 10.93 -2.66 -0.81
C PRO A 138 12.23 -1.90 -1.16
N ARG A 139 12.37 -1.49 -2.42
CA ARG A 139 13.57 -0.76 -2.86
C ARG A 139 13.28 0.38 -3.82
N CYS A 140 12.21 0.22 -4.61
CA CYS A 140 11.83 1.21 -5.62
C CYS A 140 11.69 2.67 -5.18
N ILE A 141 10.80 2.92 -4.24
CA ILE A 141 10.55 4.29 -3.79
C ILE A 141 11.76 4.90 -3.10
N ALA A 142 12.42 4.15 -2.23
CA ALA A 142 13.59 4.67 -1.55
C ALA A 142 14.62 5.13 -2.58
N ALA A 143 14.83 4.31 -3.61
CA ALA A 143 15.78 4.65 -4.66
C ALA A 143 15.36 5.90 -5.43
N PHE A 144 14.07 6.02 -5.71
CA PHE A 144 13.59 7.19 -6.43
C PHE A 144 13.78 8.46 -5.59
N LEU A 145 13.46 8.37 -4.30
CA LEU A 145 13.61 9.52 -3.41
C LEU A 145 15.05 10.02 -3.35
N ALA A 146 16.00 9.11 -3.50
CA ALA A 146 17.41 9.46 -3.45
C ALA A 146 17.83 10.33 -4.64
N ARG A 147 16.97 10.47 -5.63
CA ARG A 147 17.29 11.28 -6.81
C ARG A 147 16.91 12.75 -6.66
N GLY A 148 16.18 13.06 -5.59
CA GLY A 148 15.77 14.43 -5.34
C GLY A 148 15.18 15.18 -6.52
N LEU A 149 14.22 14.56 -7.21
CA LEU A 149 13.57 15.17 -8.36
C LEU A 149 12.38 16.01 -7.90
N PRO A 150 12.34 17.28 -8.30
CA PRO A 150 11.25 18.19 -7.92
C PRO A 150 9.87 17.90 -8.51
N TYR A 151 8.86 17.98 -7.64
CA TYR A 151 7.47 17.79 -8.02
C TYR A 151 6.61 18.52 -6.99
N ASP A 152 5.60 19.24 -7.47
CA ASP A 152 4.72 19.98 -6.57
C ASP A 152 3.91 19.01 -5.71
N ALA A 153 3.66 17.83 -6.26
CA ALA A 153 2.91 16.82 -5.53
C ALA A 153 3.06 15.46 -6.17
N VAL A 154 2.85 14.42 -5.35
CA VAL A 154 2.92 13.05 -5.82
C VAL A 154 1.60 12.38 -5.49
N LEU A 155 0.95 11.80 -6.50
CA LEU A 155 -0.30 11.10 -6.28
C LEU A 155 0.02 9.61 -6.32
N VAL A 156 -0.19 8.91 -5.19
CA VAL A 156 0.07 7.49 -5.12
C VAL A 156 -1.25 6.74 -5.27
N ALA A 157 -1.28 5.78 -6.18
CA ALA A 157 -2.48 5.03 -6.46
C ALA A 157 -2.77 3.86 -5.51
N GLU A 158 -3.99 3.86 -4.98
CA GLU A 158 -4.51 2.83 -4.09
C GLU A 158 -6.03 3.00 -4.21
N PRO A 159 -6.82 1.97 -3.88
CA PRO A 159 -8.27 2.16 -3.99
C PRO A 159 -8.83 3.12 -2.96
N THR A 160 -9.32 4.27 -3.44
CA THR A 160 -9.89 5.30 -2.56
C THR A 160 -11.24 5.75 -3.12
N MET A 161 -11.83 4.91 -3.95
CA MET A 161 -13.11 5.21 -4.59
C MET A 161 -13.06 6.54 -5.34
N SER A 162 -11.91 6.80 -5.96
CA SER A 162 -11.70 8.00 -6.74
C SER A 162 -11.86 9.31 -5.95
N GLU A 163 -11.37 9.31 -4.72
CA GLU A 163 -11.41 10.51 -3.88
C GLU A 163 -9.98 10.71 -3.41
N ALA A 164 -9.57 11.96 -3.26
CA ALA A 164 -8.22 12.24 -2.79
C ALA A 164 -8.13 12.06 -1.28
N VAL A 165 -7.29 11.10 -0.84
CA VAL A 165 -7.10 10.83 0.59
C VAL A 165 -5.81 11.51 1.00
N LEU A 166 -5.89 12.32 2.05
CA LEU A 166 -4.75 13.12 2.50
C LEU A 166 -4.01 12.58 3.71
N ALA A 167 -4.56 11.56 4.35
CA ALA A 167 -3.92 11.00 5.53
C ALA A 167 -4.29 9.54 5.75
N HIS A 168 -3.37 8.81 6.39
CA HIS A 168 -3.61 7.41 6.70
C HIS A 168 -2.67 6.96 7.81
N ARG A 169 -2.99 5.82 8.42
CA ARG A 169 -2.16 5.31 9.50
C ARG A 169 -0.80 4.79 9.05
N GLY A 170 0.10 4.65 10.01
CA GLY A 170 1.41 4.10 9.72
C GLY A 170 1.19 2.60 9.87
N ILE A 171 2.25 1.80 9.78
CA ILE A 171 2.10 0.37 9.94
C ILE A 171 3.36 -0.26 10.51
N SER A 172 3.16 -1.29 11.32
CA SER A 172 4.25 -2.02 11.94
C SER A 172 3.84 -3.48 12.02
N SER A 173 4.79 -4.38 11.77
CA SER A 173 4.56 -5.81 11.84
C SER A 173 5.72 -6.39 12.64
N VAL A 174 5.40 -7.29 13.57
CA VAL A 174 6.42 -7.86 14.45
C VAL A 174 6.31 -9.37 14.60
N LEU A 175 7.47 -10.02 14.67
CA LEU A 175 7.57 -11.45 14.89
C LEU A 175 8.14 -11.64 16.28
N MET A 176 7.41 -12.37 17.12
CA MET A 176 7.85 -12.63 18.48
C MET A 176 7.99 -14.12 18.69
N ARG A 177 8.99 -14.50 19.47
CA ARG A 177 9.17 -15.90 19.83
C ARG A 177 9.38 -15.96 21.32
N PHE A 178 8.56 -16.75 22.00
CA PHE A 178 8.66 -16.95 23.44
C PHE A 178 9.29 -18.32 23.65
N ALA A 179 10.18 -18.41 24.64
CA ALA A 179 10.82 -19.68 24.96
C ALA A 179 10.63 -19.95 26.44
N GLY A 180 10.22 -21.18 26.76
CA GLY A 180 10.01 -21.54 28.15
C GLY A 180 11.27 -21.38 28.98
N ARG A 181 11.09 -21.00 30.24
CA ARG A 181 12.20 -20.82 31.16
C ARG A 181 12.10 -21.92 32.22
N ALA A 182 12.86 -22.99 32.03
CA ALA A 182 12.86 -24.11 32.95
C ALA A 182 13.79 -23.83 34.13
N GLY A 183 13.74 -22.60 34.63
CA GLY A 183 14.59 -22.23 35.75
C GLY A 183 13.81 -21.53 36.86
N ASP A 190 8.64 -23.00 38.07
CA ASP A 190 8.80 -21.69 37.45
C ASP A 190 7.55 -21.32 36.66
N PRO A 191 6.95 -20.16 36.96
CA PRO A 191 5.75 -19.68 36.27
C PRO A 191 5.96 -19.38 34.80
N ALA A 192 7.22 -19.24 34.38
CA ALA A 192 7.52 -18.94 32.99
C ALA A 192 7.91 -20.20 32.22
N ALA A 193 7.73 -21.36 32.83
CA ALA A 193 8.07 -22.62 32.19
C ALA A 193 7.44 -22.76 30.80
N SER A 194 6.19 -22.29 30.67
CA SER A 194 5.48 -22.41 29.39
C SER A 194 5.54 -21.19 28.50
N ALA A 195 5.97 -21.40 27.26
CA ALA A 195 6.05 -20.33 26.29
C ALA A 195 4.64 -19.83 25.98
N LEU A 196 3.65 -20.71 26.06
CA LEU A 196 2.28 -20.28 25.78
C LEU A 196 1.71 -19.44 26.92
N HIS A 197 2.02 -19.81 28.16
CA HIS A 197 1.55 -19.02 29.30
C HIS A 197 2.19 -17.63 29.17
N GLN A 198 3.47 -17.58 28.79
CA GLN A 198 4.13 -16.29 28.62
C GLN A 198 3.42 -15.46 27.56
N ALA A 199 3.05 -16.09 26.45
CA ALA A 199 2.38 -15.41 25.35
C ALA A 199 1.03 -14.86 25.80
N MET A 200 0.35 -15.62 26.65
CA MET A 200 -0.95 -15.23 27.18
C MET A 200 -0.82 -13.96 28.04
N ARG A 201 0.18 -13.94 28.93
CA ARG A 201 0.38 -12.78 29.79
C ARG A 201 0.81 -11.59 28.96
N TRP A 202 1.66 -11.80 27.97
CA TRP A 202 2.10 -10.71 27.11
C TRP A 202 0.89 -10.11 26.39
N GLY A 203 0.06 -10.97 25.82
CA GLY A 203 -1.12 -10.54 25.09
C GLY A 203 -2.09 -9.72 25.90
N GLY A 204 -2.31 -10.13 27.15
CA GLY A 204 -3.24 -9.41 28.01
C GLY A 204 -2.73 -8.01 28.27
N LYS A 205 -1.43 -7.88 28.48
CA LYS A 205 -0.86 -6.57 28.72
C LYS A 205 -0.92 -5.70 27.47
N ALA A 206 -0.63 -6.29 26.32
CA ALA A 206 -0.66 -5.57 25.05
C ALA A 206 -2.06 -5.04 24.74
N LEU A 207 -3.07 -5.90 24.90
CA LEU A 207 -4.44 -5.49 24.63
C LEU A 207 -4.89 -4.39 25.59
N ASP A 208 -4.52 -4.52 26.86
CA ASP A 208 -4.89 -3.50 27.85
C ASP A 208 -4.27 -2.16 27.45
N HIS A 209 -3.02 -2.20 27.00
CA HIS A 209 -2.36 -0.96 26.60
C HIS A 209 -3.07 -0.32 25.42
N VAL A 210 -3.42 -1.14 24.43
CA VAL A 210 -4.12 -0.66 23.25
C VAL A 210 -5.41 0.05 23.67
N GLU A 211 -6.10 -0.54 24.63
CA GLU A 211 -7.35 0.07 25.11
C GLU A 211 -7.11 1.44 25.73
N SER A 212 -5.95 1.62 26.37
CA SER A 212 -5.63 2.90 27.01
C SER A 212 -5.38 4.01 25.99
N LEU A 213 -5.24 3.65 24.72
CA LEU A 213 -5.00 4.63 23.67
C LEU A 213 -6.24 4.89 22.81
N ALA A 214 -7.37 4.33 23.23
CA ALA A 214 -8.62 4.45 22.47
C ALA A 214 -9.11 5.86 22.19
N HIS A 215 -8.70 6.83 22.99
CA HIS A 215 -9.16 8.21 22.79
C HIS A 215 -8.32 9.08 21.87
N ALA A 216 -7.19 8.58 21.41
CA ALA A 216 -6.35 9.32 20.48
C ALA A 216 -7.14 9.45 19.18
N ARG A 217 -7.08 10.61 18.55
CA ARG A 217 -7.82 10.83 17.31
C ARG A 217 -7.07 11.65 16.27
N PHE A 218 -7.40 11.43 15.01
CA PHE A 218 -6.83 12.15 13.87
C PHE A 218 -7.72 11.94 12.65
N GLY A 219 -8.22 13.03 12.09
CA GLY A 219 -9.08 12.96 10.90
C GLY A 219 -10.18 11.92 10.90
N GLY A 220 -10.86 11.77 12.02
CA GLY A 220 -11.94 10.79 12.10
C GLY A 220 -11.42 9.42 12.52
N LEU A 221 -10.10 9.26 12.51
CA LEU A 221 -9.46 8.02 12.89
C LEU A 221 -9.32 8.00 14.41
N THR A 222 -9.69 6.90 15.04
CA THR A 222 -9.59 6.81 16.50
C THR A 222 -8.82 5.59 16.98
N GLY A 223 -8.08 5.79 18.06
CA GLY A 223 -7.33 4.71 18.67
C GLY A 223 -6.19 4.12 17.86
N LEU A 224 -5.65 3.04 18.39
CA LEU A 224 -4.56 2.33 17.76
C LEU A 224 -5.09 1.01 17.26
N ARG A 225 -5.10 0.82 15.94
CA ARG A 225 -5.54 -0.46 15.41
C ARG A 225 -4.39 -1.40 15.76
N PHE A 226 -4.69 -2.46 16.48
CA PHE A 226 -3.70 -3.43 16.91
C PHE A 226 -4.24 -4.81 16.56
N ASN A 227 -3.35 -5.72 16.18
CA ASN A 227 -3.80 -7.05 15.80
C ASN A 227 -2.78 -8.16 16.01
N ILE A 228 -3.16 -9.16 16.79
CA ILE A 228 -2.31 -10.33 16.99
C ILE A 228 -2.84 -11.26 15.91
N GLY A 229 -2.10 -11.38 14.81
CA GLY A 229 -2.56 -12.18 13.69
C GLY A 229 -2.18 -13.64 13.61
N ARG A 230 -1.18 -14.05 14.37
CA ARG A 230 -0.77 -15.45 14.35
C ARG A 230 -0.14 -15.88 15.66
N VAL A 231 -0.55 -17.05 16.12
CA VAL A 231 0.02 -17.64 17.33
C VAL A 231 0.13 -19.12 17.00
N ASP A 232 1.33 -19.67 17.17
CA ASP A 232 1.57 -21.08 16.89
C ASP A 232 2.57 -21.61 17.90
N GLY A 233 2.11 -22.48 18.79
CA GLY A 233 3.00 -23.04 19.79
C GLY A 233 2.45 -24.27 20.48
N GLY A 234 3.35 -25.10 20.99
CA GLY A 234 2.95 -26.30 21.70
C GLY A 234 2.62 -27.48 20.80
N ILE A 235 2.36 -28.63 21.43
CA ILE A 235 2.04 -29.85 20.70
C ILE A 235 0.80 -30.55 21.28
N LYS A 236 0.80 -30.78 22.59
CA LYS A 236 -0.31 -31.46 23.25
C LYS A 236 -0.91 -30.65 24.40
N ALA A 237 -2.17 -30.93 24.72
CA ALA A 237 -2.89 -30.23 25.78
C ALA A 237 -2.16 -30.13 27.12
N ASN A 238 -1.68 -31.25 27.65
CA ASN A 238 -1.01 -31.24 28.94
C ASN A 238 0.52 -31.22 28.92
N MET A 239 1.11 -31.09 27.74
CA MET A 239 2.56 -31.03 27.62
C MET A 239 2.99 -29.56 27.69
N ILE A 240 3.99 -29.26 28.52
CA ILE A 240 4.46 -27.88 28.64
C ILE A 240 5.07 -27.47 27.31
N ALA A 241 4.59 -26.36 26.76
CA ALA A 241 5.07 -25.86 25.48
C ALA A 241 6.36 -25.06 25.70
N PRO A 242 7.48 -25.55 25.15
CA PRO A 242 8.78 -24.88 25.29
C PRO A 242 8.95 -23.66 24.39
N ALA A 243 8.14 -23.57 23.35
CA ALA A 243 8.25 -22.45 22.42
C ALA A 243 6.92 -22.05 21.82
N ALA A 244 6.83 -20.81 21.40
CA ALA A 244 5.61 -20.30 20.79
C ALA A 244 5.95 -19.10 19.94
N GLU A 245 5.36 -19.06 18.76
CA GLU A 245 5.56 -17.97 17.81
C GLU A 245 4.32 -17.09 17.82
N LEU A 246 4.53 -15.78 17.80
CA LEU A 246 3.42 -14.84 17.79
C LEU A 246 3.75 -13.70 16.82
N ARG A 247 2.80 -13.40 15.94
CA ARG A 247 3.00 -12.32 14.98
C ARG A 247 1.89 -11.30 15.19
N PHE A 248 2.26 -10.04 15.36
CA PHE A 248 1.28 -8.99 15.58
C PHE A 248 1.68 -7.72 14.84
N GLY A 249 0.72 -6.82 14.70
CA GLY A 249 1.00 -5.55 14.03
C GLY A 249 0.12 -4.47 14.60
N PHE A 250 0.40 -3.24 14.25
CA PHE A 250 -0.42 -2.13 14.70
C PHE A 250 -0.29 -1.01 13.69
N ARG A 251 -1.24 -0.10 13.70
CA ARG A 251 -1.26 1.00 12.73
C ARG A 251 -1.41 2.33 13.45
N PRO A 252 -0.29 2.95 13.80
CA PRO A 252 -0.30 4.23 14.51
C PRO A 252 -0.90 5.41 13.77
N LEU A 253 -1.41 6.35 14.56
CA LEU A 253 -1.98 7.56 14.00
C LEU A 253 -0.81 8.50 13.76
N PRO A 254 -0.96 9.48 12.87
CA PRO A 254 0.18 10.38 12.68
C PRO A 254 0.57 11.06 14.00
N SER A 255 1.87 11.25 14.18
CA SER A 255 2.42 11.89 15.38
C SER A 255 2.61 10.96 16.58
N MET A 256 2.07 9.75 16.52
CA MET A 256 2.26 8.81 17.61
C MET A 256 3.72 8.39 17.67
N ASP A 257 4.23 8.15 18.89
CA ASP A 257 5.61 7.73 19.07
C ASP A 257 5.68 6.22 18.85
N VAL A 258 6.01 5.83 17.63
CA VAL A 258 6.08 4.41 17.26
C VAL A 258 7.23 3.68 17.93
N ASP A 259 8.38 4.34 18.05
CA ASP A 259 9.53 3.72 18.71
C ASP A 259 9.15 3.39 20.16
N GLY A 260 8.50 4.35 20.83
CA GLY A 260 8.10 4.15 22.20
C GLY A 260 7.07 3.04 22.31
N LEU A 261 6.14 3.01 21.36
CA LEU A 261 5.10 1.98 21.34
C LEU A 261 5.72 0.59 21.23
N LEU A 262 6.64 0.42 20.28
CA LEU A 262 7.28 -0.87 20.07
C LEU A 262 8.01 -1.34 21.34
N ALA A 263 8.75 -0.45 21.99
CA ALA A 263 9.47 -0.79 23.21
C ALA A 263 8.50 -1.16 24.31
N THR A 264 7.36 -0.46 24.37
CA THR A 264 6.35 -0.75 25.37
C THR A 264 5.85 -2.17 25.17
N PHE A 265 5.51 -2.51 23.94
CA PHE A 265 5.04 -3.85 23.63
C PHE A 265 6.09 -4.90 23.97
N ALA A 266 7.34 -4.65 23.63
CA ALA A 266 8.39 -5.60 23.94
C ALA A 266 8.56 -5.79 25.45
N GLY A 267 8.45 -4.69 26.19
CA GLY A 267 8.60 -4.75 27.64
C GLY A 267 7.50 -5.49 28.39
N PHE A 268 6.39 -5.77 27.72
CA PHE A 268 5.29 -6.49 28.35
C PHE A 268 5.64 -7.96 28.51
N ALA A 269 6.69 -8.40 27.85
CA ALA A 269 7.12 -9.79 27.94
C ALA A 269 8.07 -9.96 29.13
N ASP A 270 7.61 -10.73 30.12
CA ASP A 270 8.41 -11.00 31.32
C ASP A 270 8.33 -12.49 31.57
N PRO A 271 9.44 -13.22 31.37
CA PRO A 271 10.75 -12.74 30.92
C PRO A 271 10.76 -12.21 29.48
N ALA A 272 11.88 -11.62 29.09
CA ALA A 272 12.02 -11.08 27.74
C ALA A 272 11.74 -12.16 26.70
N ALA A 273 11.16 -11.75 25.58
CA ALA A 273 10.88 -12.68 24.51
C ALA A 273 12.24 -13.17 24.00
N ALA A 274 12.30 -14.42 23.55
CA ALA A 274 13.56 -14.96 23.04
C ALA A 274 13.90 -14.25 21.72
N HIS A 275 12.86 -13.81 21.02
CA HIS A 275 13.02 -13.12 19.75
C HIS A 275 11.94 -12.04 19.61
N PHE A 276 12.34 -10.84 19.20
CA PHE A 276 11.41 -9.72 18.99
C PHE A 276 11.94 -9.01 17.75
N GLU A 277 11.27 -9.22 16.63
CA GLU A 277 11.72 -8.66 15.36
C GLU A 277 10.65 -7.86 14.62
N GLU A 278 10.88 -6.56 14.45
CA GLU A 278 9.93 -5.75 13.70
C GLU A 278 10.31 -6.04 12.25
N THR A 279 9.43 -6.75 11.55
CA THR A 279 9.68 -7.12 10.16
C THR A 279 9.40 -6.02 9.14
N PHE A 280 8.62 -5.02 9.55
CA PHE A 280 8.30 -3.92 8.66
C PHE A 280 7.75 -2.72 9.41
N ARG A 281 8.12 -1.53 8.96
CA ARG A 281 7.57 -0.32 9.52
C ARG A 281 7.38 0.68 8.41
N GLY A 282 6.18 1.25 8.36
CA GLY A 282 5.86 2.27 7.38
C GLY A 282 5.36 3.47 8.13
N PRO A 283 5.75 4.69 7.71
CA PRO A 283 5.30 5.88 8.43
C PRO A 283 3.83 6.16 8.15
N SER A 284 3.24 6.98 9.00
CA SER A 284 1.86 7.39 8.80
C SER A 284 1.91 8.47 7.72
N LEU A 285 0.75 8.89 7.23
CA LEU A 285 0.67 9.97 6.24
C LEU A 285 -0.25 11.06 6.77
N PRO A 286 0.28 12.26 7.04
CA PRO A 286 1.69 12.64 6.90
C PRO A 286 2.32 12.10 8.17
N SER A 287 3.58 12.45 8.42
CA SER A 287 4.24 11.97 9.63
C SER A 287 5.01 13.11 10.30
N GLY A 288 5.46 12.88 11.52
CA GLY A 288 6.19 13.90 12.25
C GLY A 288 5.35 14.47 13.37
N ASP A 289 5.70 15.65 13.86
CA ASP A 289 4.95 16.27 14.95
C ASP A 289 3.56 16.66 14.47
N ILE A 290 2.62 16.79 15.40
CA ILE A 290 1.25 17.11 15.03
C ILE A 290 1.17 18.38 14.18
N ALA A 291 1.99 19.37 14.49
CA ALA A 291 2.01 20.62 13.73
C ALA A 291 2.41 20.36 12.28
N ARG A 292 3.43 19.54 12.08
CA ARG A 292 3.89 19.22 10.74
C ARG A 292 2.82 18.43 10.01
N ALA A 293 2.26 17.44 10.68
CA ALA A 293 1.23 16.60 10.08
C ALA A 293 0.05 17.43 9.57
N GLU A 294 -0.42 18.38 10.36
CA GLU A 294 -1.55 19.20 9.94
C GLU A 294 -1.18 20.11 8.77
N GLU A 295 0.02 20.67 8.82
CA GLU A 295 0.49 21.56 7.76
C GLU A 295 0.61 20.80 6.43
N ARG A 296 1.15 19.59 6.52
CA ARG A 296 1.32 18.75 5.33
C ARG A 296 -0.04 18.33 4.78
N ARG A 297 -0.97 18.01 5.67
CA ARG A 297 -2.30 17.60 5.26
C ARG A 297 -3.00 18.73 4.52
N LEU A 298 -2.92 19.95 5.06
CA LEU A 298 -3.54 21.10 4.41
C LEU A 298 -2.93 21.37 3.04
N ALA A 299 -1.62 21.15 2.91
CA ALA A 299 -0.94 21.35 1.64
C ALA A 299 -1.50 20.36 0.61
N ALA A 300 -1.74 19.14 1.05
CA ALA A 300 -2.28 18.10 0.16
C ALA A 300 -3.71 18.47 -0.19
N ARG A 301 -4.43 19.06 0.75
CA ARG A 301 -5.81 19.45 0.51
C ARG A 301 -5.84 20.53 -0.57
N ASP A 302 -4.91 21.48 -0.51
CA ASP A 302 -4.86 22.54 -1.51
C ASP A 302 -4.54 21.99 -2.90
N VAL A 303 -3.71 20.93 -2.95
CA VAL A 303 -3.38 20.33 -4.24
C VAL A 303 -4.60 19.61 -4.79
N ALA A 304 -5.30 18.88 -3.93
CA ALA A 304 -6.50 18.17 -4.37
C ALA A 304 -7.51 19.19 -4.93
N ASP A 305 -7.67 20.31 -4.24
CA ASP A 305 -8.59 21.35 -4.69
C ASP A 305 -8.19 21.89 -6.05
N ALA A 306 -6.89 22.15 -6.22
CA ALA A 306 -6.38 22.68 -7.47
C ALA A 306 -6.57 21.70 -8.62
N LEU A 307 -6.60 20.41 -8.29
CA LEU A 307 -6.79 19.37 -9.31
C LEU A 307 -8.25 18.96 -9.42
N ASP A 308 -9.11 19.65 -8.67
CA ASP A 308 -10.54 19.38 -8.67
C ASP A 308 -10.90 17.97 -8.24
N LEU A 309 -10.17 17.41 -7.29
CA LEU A 309 -10.44 16.06 -6.80
C LEU A 309 -11.26 16.10 -5.52
N PRO A 310 -12.34 15.32 -5.45
CA PRO A 310 -13.15 15.32 -4.23
C PRO A 310 -12.33 14.69 -3.10
N ILE A 311 -12.35 15.32 -1.93
CA ILE A 311 -11.58 14.84 -0.79
C ILE A 311 -12.28 13.73 -0.01
N GLY A 312 -11.58 12.62 0.20
CA GLY A 312 -12.14 11.50 0.94
C GLY A 312 -11.63 11.44 2.38
N ASN A 313 -12.29 10.63 3.20
CA ASN A 313 -11.89 10.49 4.60
C ASN A 313 -10.53 9.81 4.75
N ALA A 314 -9.81 10.15 5.83
CA ALA A 314 -8.52 9.53 6.08
C ALA A 314 -8.74 8.02 6.21
N VAL A 315 -7.76 7.21 5.81
CA VAL A 315 -7.94 5.77 5.88
C VAL A 315 -7.02 5.05 6.87
N ASP A 316 -7.40 3.82 7.19
CA ASP A 316 -6.65 3.00 8.13
C ASP A 316 -5.53 2.23 7.45
N PHE A 317 -5.68 1.97 6.14
CA PHE A 317 -4.66 1.19 5.45
C PHE A 317 -3.41 2.01 5.13
N TRP A 318 -2.34 1.31 4.80
CA TRP A 318 -1.07 1.96 4.51
C TRP A 318 -0.74 2.07 3.03
N THR A 319 -0.02 3.13 2.66
CA THR A 319 0.40 3.33 1.28
C THR A 319 1.77 3.98 1.29
N GLU A 320 2.45 3.92 0.15
CA GLU A 320 3.76 4.53 0.02
C GLU A 320 3.72 6.05 -0.11
N ALA A 321 2.52 6.62 -0.09
CA ALA A 321 2.42 8.07 -0.15
C ALA A 321 3.14 8.57 1.11
N SER A 322 3.13 7.76 2.15
CA SER A 322 3.79 8.12 3.40
C SER A 322 5.29 8.31 3.20
N LEU A 323 5.88 7.54 2.29
CA LEU A 323 7.31 7.64 2.01
C LEU A 323 7.63 8.95 1.27
N PHE A 324 6.82 9.29 0.28
CA PHE A 324 7.03 10.53 -0.46
C PHE A 324 6.84 11.71 0.47
N SER A 325 5.84 11.63 1.35
CA SER A 325 5.59 12.71 2.28
C SER A 325 6.75 12.90 3.24
N ALA A 326 7.28 11.80 3.78
CA ALA A 326 8.41 11.89 4.70
C ALA A 326 9.65 12.41 3.95
N GLY A 327 9.64 12.23 2.64
CA GLY A 327 10.75 12.69 1.82
C GLY A 327 10.67 14.16 1.44
N GLY A 328 9.60 14.83 1.86
CA GLY A 328 9.46 16.25 1.56
C GLY A 328 8.48 16.63 0.47
N TYR A 329 7.79 15.66 -0.10
CA TYR A 329 6.81 15.95 -1.15
C TYR A 329 5.42 16.04 -0.55
N THR A 330 4.59 16.90 -1.12
CA THR A 330 3.21 16.99 -0.69
C THR A 330 2.69 15.72 -1.38
N ALA A 331 1.94 14.91 -0.66
CA ALA A 331 1.47 13.66 -1.24
C ALA A 331 0.05 13.31 -0.86
N LEU A 332 -0.62 12.58 -1.73
CA LEU A 332 -1.98 12.14 -1.48
C LEU A 332 -2.21 10.77 -2.12
N VAL A 333 -3.26 10.10 -1.68
CA VAL A 333 -3.58 8.77 -2.21
C VAL A 333 -4.82 8.94 -3.09
N TYR A 334 -4.78 8.36 -4.28
CA TYR A 334 -5.88 8.52 -5.21
C TYR A 334 -5.95 7.36 -6.20
N GLY A 335 -7.07 6.65 -6.22
CA GLY A 335 -7.21 5.54 -7.14
C GLY A 335 -8.63 5.01 -7.20
N PRO A 336 -8.98 4.24 -8.25
CA PRO A 336 -10.32 3.68 -8.41
C PRO A 336 -10.52 2.45 -7.55
N GLY A 337 -11.79 2.13 -7.27
CA GLY A 337 -12.08 0.96 -6.49
C GLY A 337 -12.11 1.14 -4.99
N ASP A 338 -12.53 0.09 -4.29
CA ASP A 338 -12.62 0.13 -2.84
C ASP A 338 -11.69 -0.88 -2.19
N ILE A 339 -11.04 -0.45 -1.11
CA ILE A 339 -10.11 -1.31 -0.39
C ILE A 339 -10.79 -2.59 0.06
N ALA A 340 -12.11 -2.56 0.15
CA ALA A 340 -12.87 -3.75 0.56
C ALA A 340 -12.65 -4.93 -0.38
N GLN A 341 -12.35 -4.64 -1.65
CA GLN A 341 -12.10 -5.71 -2.62
C GLN A 341 -10.63 -6.08 -2.71
N ALA A 342 -9.76 -5.22 -2.18
CA ALA A 342 -8.33 -5.49 -2.22
C ALA A 342 -7.95 -6.77 -1.50
N HIS A 343 -7.13 -7.59 -2.15
CA HIS A 343 -6.64 -8.86 -1.59
C HIS A 343 -7.71 -9.92 -1.40
N THR A 344 -8.86 -9.76 -2.05
CA THR A 344 -9.94 -10.74 -1.90
C THR A 344 -10.06 -11.65 -3.10
N ALA A 345 -10.70 -12.80 -2.89
CA ALA A 345 -10.93 -13.75 -3.96
C ALA A 345 -11.90 -13.05 -4.91
N ASP A 346 -11.71 -13.23 -6.21
CA ASP A 346 -12.57 -12.60 -7.21
C ASP A 346 -12.63 -11.09 -7.03
N GLU A 347 -11.45 -10.52 -6.77
CA GLU A 347 -11.26 -9.08 -6.60
C GLU A 347 -11.88 -8.40 -7.81
N PHE A 348 -12.60 -7.30 -7.57
CA PHE A 348 -13.24 -6.60 -8.67
C PHE A 348 -13.22 -5.09 -8.48
N VAL A 349 -13.50 -4.39 -9.59
CA VAL A 349 -13.61 -2.93 -9.59
C VAL A 349 -14.69 -2.61 -10.61
N THR A 350 -15.57 -1.68 -10.28
CA THR A 350 -16.66 -1.34 -11.18
C THR A 350 -16.21 -0.47 -12.35
N LEU A 351 -16.90 -0.60 -13.48
CA LEU A 351 -16.59 0.21 -14.64
C LEU A 351 -16.80 1.68 -14.28
N ALA A 352 -17.76 1.93 -13.39
CA ALA A 352 -18.08 3.29 -12.95
C ALA A 352 -16.85 3.93 -12.31
N GLN A 353 -16.17 3.16 -11.46
CA GLN A 353 -14.98 3.65 -10.77
C GLN A 353 -13.84 3.88 -11.75
N LEU A 354 -13.63 2.93 -12.65
CA LEU A 354 -12.58 3.04 -13.65
C LEU A 354 -12.85 4.29 -14.51
N GLN A 355 -14.10 4.45 -14.93
CA GLN A 355 -14.49 5.60 -15.75
C GLN A 355 -14.22 6.92 -15.05
N ARG A 356 -14.63 7.01 -13.79
CA ARG A 356 -14.44 8.23 -13.02
C ARG A 356 -12.97 8.57 -12.87
N TYR A 357 -12.16 7.57 -12.54
CA TYR A 357 -10.73 7.78 -12.35
C TYR A 357 -10.01 8.16 -13.64
N VAL A 358 -10.24 7.40 -14.72
CA VAL A 358 -9.56 7.71 -15.98
C VAL A 358 -9.94 9.08 -16.52
N GLU A 359 -11.21 9.47 -16.38
CA GLU A 359 -11.62 10.79 -16.86
C GLU A 359 -10.89 11.86 -16.05
N SER A 360 -10.74 11.62 -14.75
CA SER A 360 -10.06 12.58 -13.88
C SER A 360 -8.58 12.73 -14.22
N VAL A 361 -7.85 11.62 -14.37
CA VAL A 361 -6.43 11.73 -14.67
C VAL A 361 -6.22 12.22 -16.11
N ASN A 362 -7.14 11.92 -17.01
CA ASN A 362 -7.01 12.40 -18.38
C ASN A 362 -7.20 13.91 -18.37
N ARG A 363 -8.07 14.40 -17.49
CA ARG A 363 -8.30 15.83 -17.37
C ARG A 363 -7.04 16.52 -16.83
N ILE A 364 -6.46 15.93 -15.79
CA ILE A 364 -5.26 16.48 -15.19
C ILE A 364 -4.13 16.55 -16.20
N ILE A 365 -3.98 15.47 -16.97
CA ILE A 365 -2.93 15.38 -17.97
C ILE A 365 -3.22 16.09 -19.29
N ASN A 366 -4.36 15.82 -19.89
CA ASN A 366 -4.70 16.39 -21.19
C ASN A 366 -5.74 17.50 -21.24
N GLY A 367 -6.38 17.80 -20.11
CA GLY A 367 -7.40 18.83 -20.09
C GLY A 367 -6.93 20.26 -20.30
N SER A 368 -7.83 21.09 -20.80
CA SER A 368 -7.53 22.51 -21.03
C SER A 368 -7.56 23.27 -19.71
#